data_7E4M
#
_entry.id   7E4M
#
_cell.length_a   66.870
_cell.length_b   64.908
_cell.length_c   70.583
_cell.angle_alpha   90.000
_cell.angle_beta   108.750
_cell.angle_gamma   90.000
#
_symmetry.space_group_name_H-M   'C 1 2 1'
#
loop_
_entity.id
_entity.type
_entity.pdbx_description
1 polymer Stt4548
2 water water
#
_entity_poly.entity_id   1
_entity_poly.type   'polypeptide(L)'
_entity_poly.pdbx_seq_one_letter_code
;MGSSHHHHHHSSGLVPRGSHMMTTDNADQLPDPEACAPVCAHAVHLISDLRSWNQRYGGVVSDVRLIGIGVFTAFIAPWL
GPGQLVLPARTAAWCCALDDCADSKETSPEEVARLIDACRHVLTGEDPDTANPIACALAAVRADVAERRLSAAFAHAWNR
SLDRVLSATLFECQARHDIAAGLPGPSIEDYLARSTGSILVEVFLLNLCVAEARQNAVSQLKALAPALSHAEYAVRLGND
VASHRREQAAGDINVIMLGMAPEEARRRTADHARRCRDELRPFLDADPRGCAVMLDRATRLFVGIPPLLDTAG
;
_entity_poly.pdbx_strand_id   A
#
# COMPACT_ATOMS: atom_id res chain seq x y z
N LEU A 30 20.60 -6.95 17.78
CA LEU A 30 19.67 -8.00 17.34
C LEU A 30 18.32 -7.60 17.88
N PRO A 31 17.23 -7.92 17.16
CA PRO A 31 15.94 -7.61 17.76
C PRO A 31 15.67 -8.32 19.09
N ASP A 32 15.18 -7.56 20.07
CA ASP A 32 14.95 -8.10 21.39
C ASP A 32 13.91 -9.24 21.43
N PRO A 33 14.23 -10.41 22.06
CA PRO A 33 13.32 -11.57 21.88
C PRO A 33 12.03 -11.38 22.55
N GLU A 34 12.06 -10.70 23.70
CA GLU A 34 10.86 -10.43 24.44
C GLU A 34 9.93 -9.47 23.70
N ALA A 35 10.53 -8.41 23.15
CA ALA A 35 9.73 -7.44 22.38
C ALA A 35 9.13 -8.18 21.13
N CYS A 36 9.92 -9.04 20.50
CA CYS A 36 9.47 -9.73 19.24
C CYS A 36 8.46 -10.80 19.42
N ALA A 37 8.48 -11.51 20.57
CA ALA A 37 7.68 -12.73 20.74
C ALA A 37 6.17 -12.51 20.44
N PRO A 38 5.55 -11.50 21.04
CA PRO A 38 4.12 -11.41 20.69
C PRO A 38 3.88 -10.92 19.24
N VAL A 39 4.84 -10.18 18.71
CA VAL A 39 4.77 -9.65 17.37
C VAL A 39 4.85 -10.79 16.35
N CYS A 40 5.77 -11.74 16.60
CA CYS A 40 5.82 -12.97 15.82
C CYS A 40 4.47 -13.70 15.86
N ALA A 41 3.86 -13.80 17.03
CA ALA A 41 2.59 -14.52 17.21
C ALA A 41 1.46 -13.82 16.44
N HIS A 42 1.43 -12.48 16.49
CA HIS A 42 0.50 -11.72 15.65
C HIS A 42 0.64 -12.07 14.19
N ALA A 43 1.86 -12.05 13.69
CA ALA A 43 2.13 -12.41 12.33
C ALA A 43 1.62 -13.76 11.94
N VAL A 44 1.81 -14.78 12.81
CA VAL A 44 1.36 -16.08 12.45
C VAL A 44 -0.16 -16.10 12.24
N HIS A 45 -0.92 -15.45 13.15
CA HIS A 45 -2.40 -15.37 13.04
C HIS A 45 -2.85 -14.64 11.76
N LEU A 46 -2.10 -13.60 11.39
CA LEU A 46 -2.46 -12.74 10.31
C LEU A 46 -2.19 -13.43 9.02
N ILE A 47 -1.08 -14.15 8.94
CA ILE A 47 -0.78 -14.87 7.72
C ILE A 47 -1.84 -15.95 7.48
N SER A 48 -2.24 -16.63 8.57
CA SER A 48 -3.26 -17.60 8.48
C SER A 48 -4.62 -17.01 8.07
N ASP A 49 -5.09 -15.95 8.73
CA ASP A 49 -6.26 -15.16 8.30
C ASP A 49 -6.31 -14.84 6.81
N LEU A 50 -5.21 -14.30 6.31
CA LEU A 50 -5.13 -13.85 4.93
C LEU A 50 -5.25 -15.01 3.97
N ARG A 51 -4.64 -16.17 4.28
CA ARG A 51 -4.88 -17.38 3.44
C ARG A 51 -6.34 -17.77 3.33
N SER A 52 -7.07 -17.68 4.44
CA SER A 52 -8.48 -18.02 4.43
C SER A 52 -9.30 -17.02 3.66
N TRP A 53 -9.06 -15.73 3.90
CA TRP A 53 -9.78 -14.68 3.21
C TRP A 53 -9.52 -14.79 1.72
N ASN A 54 -8.29 -15.03 1.34
CA ASN A 54 -7.92 -15.18 -0.04
C ASN A 54 -8.64 -16.29 -0.74
N GLN A 55 -8.76 -17.43 -0.07
CA GLN A 55 -9.42 -18.57 -0.65
C GLN A 55 -10.92 -18.27 -0.71
N ARG A 56 -11.43 -17.39 0.14
CA ARG A 56 -12.83 -17.02 0.15
C ARG A 56 -13.16 -16.22 -1.09
N TYR A 57 -12.20 -15.45 -1.53
CA TYR A 57 -12.35 -14.57 -2.67
C TYR A 57 -11.63 -15.06 -3.90
N GLY A 58 -11.60 -16.36 -4.08
CA GLY A 58 -11.02 -16.96 -5.25
C GLY A 58 -9.56 -17.23 -5.46
N GLY A 59 -8.71 -16.73 -4.59
CA GLY A 59 -7.27 -16.89 -4.75
C GLY A 59 -6.70 -15.74 -5.53
N VAL A 60 -7.24 -14.55 -5.33
CA VAL A 60 -6.83 -13.39 -6.08
C VAL A 60 -5.43 -12.86 -5.85
N VAL A 61 -4.82 -13.18 -4.72
CA VAL A 61 -3.46 -12.73 -4.48
C VAL A 61 -2.49 -13.88 -4.33
N SER A 62 -1.31 -13.69 -4.89
CA SER A 62 -0.21 -14.60 -4.81
C SER A 62 0.18 -14.85 -3.35
N ASP A 63 0.54 -16.09 -3.03
CA ASP A 63 0.79 -16.48 -1.61
C ASP A 63 1.98 -15.73 -1.01
N VAL A 64 3.04 -15.61 -1.77
CA VAL A 64 4.22 -14.92 -1.24
C VAL A 64 3.97 -13.46 -0.85
N ARG A 65 3.05 -12.79 -1.53
CA ARG A 65 2.66 -11.45 -1.11
C ARG A 65 1.84 -11.41 0.14
N LEU A 66 0.94 -12.36 0.28
CA LEU A 66 0.13 -12.58 1.48
C LEU A 66 1.06 -12.75 2.71
N ILE A 67 2.10 -13.55 2.51
CA ILE A 67 3.05 -13.78 3.61
C ILE A 67 3.75 -12.48 4.01
N GLY A 68 4.26 -11.74 3.01
CA GLY A 68 4.90 -10.44 3.26
C GLY A 68 3.96 -9.49 3.96
N ILE A 69 2.70 -9.42 3.49
CA ILE A 69 1.76 -8.45 4.17
C ILE A 69 1.56 -8.81 5.64
N GLY A 70 1.36 -10.12 5.92
CA GLY A 70 1.17 -10.61 7.29
C GLY A 70 2.32 -10.30 8.24
N VAL A 71 3.52 -10.59 7.77
CA VAL A 71 4.75 -10.29 8.56
C VAL A 71 4.96 -8.78 8.80
N PHE A 72 4.89 -8.00 7.73
CA PHE A 72 5.24 -6.60 7.84
C PHE A 72 4.14 -5.79 8.58
N THR A 73 2.89 -6.18 8.43
CA THR A 73 1.82 -5.43 9.15
C THR A 73 2.06 -5.47 10.62
N ALA A 74 2.36 -6.66 11.11
CA ALA A 74 2.61 -6.84 12.51
C ALA A 74 3.85 -6.06 13.04
N PHE A 75 4.93 -6.04 12.27
CA PHE A 75 6.08 -5.28 12.66
C PHE A 75 5.95 -3.74 12.50
N ILE A 76 5.03 -3.24 11.68
CA ILE A 76 4.75 -1.78 11.62
C ILE A 76 4.18 -1.29 12.95
N ALA A 77 3.20 -2.02 13.49
CA ALA A 77 2.43 -1.54 14.66
C ALA A 77 2.40 -2.67 15.73
N PRO A 78 3.55 -2.96 16.33
CA PRO A 78 3.64 -4.16 17.23
C PRO A 78 2.79 -4.12 18.50
N TRP A 79 2.35 -2.92 18.88
CA TRP A 79 1.50 -2.74 20.08
C TRP A 79 0.05 -2.97 19.81
N LEU A 80 -0.37 -3.15 18.56
CA LEU A 80 -1.80 -3.49 18.29
C LEU A 80 -2.12 -5.00 18.42
N GLY A 81 -3.34 -5.33 18.85
CA GLY A 81 -3.79 -6.74 18.90
C GLY A 81 -4.05 -7.30 17.50
N PRO A 82 -4.01 -8.64 17.29
CA PRO A 82 -4.24 -9.26 15.99
C PRO A 82 -5.55 -8.86 15.32
N GLY A 83 -6.61 -8.70 16.10
CA GLY A 83 -7.90 -8.23 15.61
C GLY A 83 -7.88 -6.83 15.00
N GLN A 84 -7.04 -5.97 15.54
CA GLN A 84 -6.87 -4.62 14.98
C GLN A 84 -6.04 -4.59 13.71
N LEU A 85 -5.28 -5.66 13.44
CA LEU A 85 -4.43 -5.76 12.27
C LEU A 85 -5.11 -6.33 11.02
N VAL A 86 -6.23 -7.01 11.21
CA VAL A 86 -6.98 -7.65 10.14
C VAL A 86 -7.37 -6.76 8.96
N LEU A 87 -8.06 -5.66 9.26
CA LEU A 87 -8.51 -4.73 8.23
C LEU A 87 -7.34 -4.26 7.36
N PRO A 88 -6.33 -3.64 7.98
CA PRO A 88 -5.18 -3.14 7.24
C PRO A 88 -4.53 -4.22 6.38
N ALA A 89 -4.41 -5.41 6.93
CA ALA A 89 -3.74 -6.41 6.17
C ALA A 89 -4.61 -6.86 4.96
N ARG A 90 -5.92 -7.03 5.15
CA ARG A 90 -6.74 -7.38 4.06
C ARG A 90 -6.84 -6.28 2.99
N THR A 91 -6.90 -5.03 3.43
CA THR A 91 -6.92 -3.89 2.48
C THR A 91 -5.62 -3.87 1.64
N ALA A 92 -4.46 -4.01 2.31
CA ALA A 92 -3.23 -4.18 1.54
C ALA A 92 -3.20 -5.39 0.62
N ALA A 93 -3.68 -6.55 1.08
CA ALA A 93 -3.74 -7.75 0.23
C ALA A 93 -4.58 -7.50 -1.02
N TRP A 94 -5.74 -6.85 -0.83
CA TRP A 94 -6.62 -6.51 -1.92
C TRP A 94 -5.80 -5.67 -2.96
N CYS A 95 -4.99 -4.68 -2.52
CA CYS A 95 -4.23 -3.88 -3.47
C CYS A 95 -3.25 -4.75 -4.30
N CYS A 96 -2.62 -5.72 -3.64
CA CYS A 96 -1.74 -6.67 -4.33
C CYS A 96 -2.42 -7.55 -5.37
N ALA A 97 -3.68 -7.88 -5.17
CA ALA A 97 -4.45 -8.63 -6.17
C ALA A 97 -4.67 -7.86 -7.45
N LEU A 98 -5.05 -6.60 -7.22
CA LEU A 98 -5.33 -5.68 -8.29
C LEU A 98 -4.08 -5.60 -9.16
N ASP A 99 -2.95 -5.50 -8.51
CA ASP A 99 -1.69 -5.37 -9.18
C ASP A 99 -1.31 -6.61 -9.98
N ASP A 100 -1.60 -7.76 -9.40
CA ASP A 100 -1.35 -9.05 -10.12
C ASP A 100 -2.23 -9.16 -11.39
N CYS A 101 -3.51 -8.90 -11.22
CA CYS A 101 -4.45 -8.92 -12.33
C CYS A 101 -4.00 -7.96 -13.43
N ALA A 102 -3.56 -6.75 -13.09
CA ALA A 102 -3.23 -5.73 -14.11
C ALA A 102 -1.87 -5.98 -14.77
N ASP A 103 -1.01 -6.75 -14.08
CA ASP A 103 0.22 -7.32 -14.60
C ASP A 103 0.08 -8.55 -15.52
N SER A 104 -1.11 -8.82 -16.05
CA SER A 104 -1.28 -9.86 -17.08
C SER A 104 -0.76 -9.37 -18.45
N LYS A 105 -0.18 -10.28 -19.21
CA LYS A 105 0.37 -9.95 -20.52
C LYS A 105 -0.75 -9.92 -21.55
N GLU A 106 -1.85 -10.63 -21.29
CA GLU A 106 -2.98 -10.80 -22.23
C GLU A 106 -4.05 -9.74 -22.08
N THR A 107 -4.00 -8.97 -21.00
CA THR A 107 -5.00 -7.90 -20.77
C THR A 107 -4.49 -6.53 -21.25
N SER A 108 -5.39 -5.83 -21.90
CA SER A 108 -5.11 -4.54 -22.48
C SER A 108 -5.35 -3.41 -21.46
N PRO A 109 -4.77 -2.22 -21.71
CA PRO A 109 -5.15 -1.08 -20.86
C PRO A 109 -6.66 -0.83 -20.86
N GLU A 110 -7.33 -1.09 -21.98
CA GLU A 110 -8.80 -0.92 -22.00
C GLU A 110 -9.52 -1.87 -21.00
N GLU A 111 -9.09 -3.13 -20.95
CA GLU A 111 -9.61 -4.15 -20.01
C GLU A 111 -9.31 -3.79 -18.56
N VAL A 112 -8.08 -3.31 -18.29
CA VAL A 112 -7.74 -2.89 -16.98
C VAL A 112 -8.57 -1.69 -16.57
N ALA A 113 -8.79 -0.73 -17.48
CA ALA A 113 -9.58 0.46 -17.16
C ALA A 113 -11.01 0.11 -16.80
N ARG A 114 -11.58 -0.89 -17.48
CA ARG A 114 -12.93 -1.34 -17.15
C ARG A 114 -12.99 -1.96 -15.74
N LEU A 115 -11.95 -2.72 -15.35
CA LEU A 115 -11.88 -3.26 -14.00
C LEU A 115 -11.76 -2.13 -12.99
N ILE A 116 -10.83 -1.21 -13.25
CA ILE A 116 -10.69 -0.02 -12.42
C ILE A 116 -11.99 0.77 -12.23
N ASP A 117 -12.72 0.99 -13.33
CA ASP A 117 -14.00 1.69 -13.26
C ASP A 117 -14.96 0.94 -12.32
N ALA A 118 -15.02 -0.39 -12.48
CA ALA A 118 -15.98 -1.21 -11.65
C ALA A 118 -15.61 -1.08 -10.18
N CYS A 119 -14.30 -1.04 -9.87
CA CYS A 119 -13.89 -0.83 -8.49
C CYS A 119 -14.25 0.55 -7.95
N ARG A 120 -14.11 1.59 -8.79
CA ARG A 120 -14.47 2.90 -8.31
C ARG A 120 -15.98 2.97 -7.95
N HIS A 121 -16.80 2.31 -8.77
CA HIS A 121 -18.24 2.19 -8.45
C HIS A 121 -18.45 1.45 -7.11
N VAL A 122 -17.70 0.35 -6.87
CA VAL A 122 -17.73 -0.33 -5.54
C VAL A 122 -17.44 0.60 -4.37
N LEU A 123 -16.44 1.51 -4.55
CA LEU A 123 -16.09 2.45 -3.53
C LEU A 123 -17.25 3.37 -3.17
N THR A 124 -18.22 3.56 -4.06
CA THR A 124 -19.37 4.47 -3.73
C THR A 124 -20.45 3.67 -3.03
N GLY A 125 -20.25 2.38 -2.88
CA GLY A 125 -21.23 1.56 -2.17
C GLY A 125 -22.05 0.69 -3.05
N GLU A 126 -21.80 0.70 -4.36
CA GLU A 126 -22.58 -0.14 -5.27
C GLU A 126 -22.13 -1.58 -5.21
N ASP A 127 -23.00 -2.50 -5.61
CA ASP A 127 -22.60 -3.90 -5.70
C ASP A 127 -21.77 -4.01 -6.98
N PRO A 128 -20.78 -4.93 -7.03
CA PRO A 128 -19.92 -5.07 -8.24
C PRO A 128 -20.73 -5.28 -9.47
N ASP A 129 -20.45 -4.51 -10.52
CA ASP A 129 -21.10 -4.65 -11.81
C ASP A 129 -20.17 -5.47 -12.77
N THR A 130 -19.62 -6.55 -12.24
CA THR A 130 -18.70 -7.42 -12.93
C THR A 130 -18.53 -8.70 -12.13
N ALA A 131 -18.18 -9.77 -12.79
CA ALA A 131 -17.95 -11.03 -12.12
C ALA A 131 -16.50 -11.21 -11.73
N ASN A 132 -15.67 -10.23 -12.06
CA ASN A 132 -14.24 -10.26 -11.69
C ASN A 132 -14.16 -10.32 -10.15
N PRO A 133 -13.47 -11.32 -9.62
CA PRO A 133 -13.45 -11.48 -8.17
C PRO A 133 -12.65 -10.37 -7.44
N ILE A 134 -11.84 -9.60 -8.18
CA ILE A 134 -11.14 -8.46 -7.60
C ILE A 134 -12.15 -7.42 -7.09
N ALA A 135 -13.23 -7.19 -7.86
CA ALA A 135 -14.29 -6.24 -7.48
C ALA A 135 -15.11 -6.75 -6.29
N CYS A 136 -15.42 -8.04 -6.29
CA CYS A 136 -16.04 -8.72 -5.12
C CYS A 136 -15.27 -8.61 -3.84
N ALA A 137 -13.95 -8.87 -3.94
CA ALA A 137 -13.11 -8.76 -2.75
C ALA A 137 -13.06 -7.34 -2.16
N LEU A 138 -12.92 -6.36 -3.05
CA LEU A 138 -13.07 -4.96 -2.65
C LEU A 138 -14.33 -4.69 -1.90
N ALA A 139 -15.48 -5.11 -2.47
CA ALA A 139 -16.77 -4.80 -1.79
C ALA A 139 -16.80 -5.41 -0.39
N ALA A 140 -16.20 -6.60 -0.24
CA ALA A 140 -16.08 -7.29 1.08
C ALA A 140 -15.29 -6.54 2.14
N VAL A 141 -14.11 -6.08 1.70
CA VAL A 141 -13.28 -5.31 2.59
C VAL A 141 -13.90 -3.95 2.90
N ARG A 142 -14.45 -3.29 1.90
CA ARG A 142 -15.18 -2.06 2.19
C ARG A 142 -16.33 -2.25 3.23
N ALA A 143 -17.11 -3.32 3.06
CA ALA A 143 -18.11 -3.68 4.06
C ALA A 143 -17.58 -3.89 5.48
N ASP A 144 -16.39 -4.48 5.59
CA ASP A 144 -15.70 -4.64 6.86
C ASP A 144 -15.45 -3.30 7.48
N VAL A 145 -14.98 -2.35 6.69
CA VAL A 145 -14.79 -0.97 7.21
C VAL A 145 -16.07 -0.35 7.71
N ALA A 146 -17.09 -0.40 6.89
CA ALA A 146 -18.35 0.22 7.19
C ALA A 146 -18.99 -0.31 8.44
N GLU A 147 -18.73 -1.55 8.74
CA GLU A 147 -19.28 -2.18 9.90
C GLU A 147 -18.91 -1.46 11.19
N ARG A 148 -17.79 -0.76 11.21
CA ARG A 148 -17.30 -0.01 12.40
C ARG A 148 -17.77 1.48 12.47
N ARG A 149 -18.63 1.88 11.54
CA ARG A 149 -19.36 3.19 11.52
C ARG A 149 -18.53 4.44 11.90
N LEU A 150 -17.45 4.68 11.14
CA LEU A 150 -16.58 5.82 11.37
C LEU A 150 -17.08 6.95 10.53
N SER A 151 -16.54 8.13 10.72
CA SER A 151 -17.16 9.32 10.11
C SER A 151 -17.21 9.34 8.55
N ALA A 152 -18.11 10.15 8.02
CA ALA A 152 -18.04 10.52 6.63
C ALA A 152 -16.54 10.72 6.28
N ALA A 153 -15.81 11.46 7.11
CA ALA A 153 -14.43 11.84 6.81
C ALA A 153 -13.43 10.69 6.69
N PHE A 154 -13.51 9.66 7.55
CA PHE A 154 -12.65 8.51 7.48
C PHE A 154 -12.99 7.67 6.25
N ALA A 155 -14.30 7.46 6.05
CA ALA A 155 -14.74 6.68 4.90
C ALA A 155 -14.26 7.31 3.63
N HIS A 156 -14.36 8.65 3.52
CA HIS A 156 -13.82 9.44 2.44
C HIS A 156 -12.31 9.22 2.24
N ALA A 157 -11.57 9.26 3.33
CA ALA A 157 -10.12 9.15 3.28
C ALA A 157 -9.73 7.75 2.80
N TRP A 158 -10.50 6.74 3.21
CA TRP A 158 -10.26 5.36 2.86
C TRP A 158 -10.47 5.19 1.38
N ASN A 159 -11.59 5.70 0.88
CA ASN A 159 -11.88 5.64 -0.53
C ASN A 159 -10.80 6.37 -1.34
N ARG A 160 -10.38 7.53 -0.90
CA ARG A 160 -9.39 8.26 -1.63
C ARG A 160 -8.07 7.53 -1.72
N SER A 161 -7.65 6.90 -0.64
CA SER A 161 -6.40 6.16 -0.67
C SER A 161 -6.44 5.02 -1.69
N LEU A 162 -7.58 4.37 -1.81
CA LEU A 162 -7.72 3.28 -2.77
C LEU A 162 -7.87 3.77 -4.22
N ASP A 163 -8.48 4.93 -4.38
CA ASP A 163 -8.55 5.54 -5.67
C ASP A 163 -7.10 5.87 -6.17
N ARG A 164 -6.20 6.29 -5.30
CA ARG A 164 -4.83 6.52 -5.68
C ARG A 164 -4.21 5.23 -6.17
N VAL A 165 -4.45 4.14 -5.46
CA VAL A 165 -3.87 2.86 -5.90
C VAL A 165 -4.42 2.43 -7.25
N LEU A 166 -5.76 2.60 -7.47
CA LEU A 166 -6.38 2.30 -8.76
C LEU A 166 -5.76 3.16 -9.90
N SER A 167 -5.59 4.46 -9.68
CA SER A 167 -5.01 5.36 -10.70
C SER A 167 -3.58 5.01 -11.06
N ALA A 168 -2.78 4.73 -10.02
CA ALA A 168 -1.41 4.34 -10.24
C ALA A 168 -1.28 3.05 -11.00
N THR A 169 -2.19 2.13 -10.78
CA THR A 169 -2.18 0.83 -11.41
C THR A 169 -2.44 0.99 -12.90
N LEU A 170 -3.44 1.78 -13.24
CA LEU A 170 -3.74 2.04 -14.63
C LEU A 170 -2.55 2.77 -15.33
N PHE A 171 -1.95 3.74 -14.65
CA PHE A 171 -0.77 4.44 -15.15
C PHE A 171 0.35 3.48 -15.51
N GLU A 172 0.70 2.56 -14.60
CA GLU A 172 1.80 1.63 -14.86
C GLU A 172 1.50 0.70 -16.01
N CYS A 173 0.24 0.19 -16.03
CA CYS A 173 -0.23 -0.67 -17.14
C CYS A 173 -0.10 0.04 -18.51
N GLN A 174 -0.62 1.24 -18.58
CA GLN A 174 -0.48 2.06 -19.80
C GLN A 174 0.98 2.28 -20.21
N ALA A 175 1.81 2.65 -19.25
CA ALA A 175 3.27 2.80 -19.52
C ALA A 175 3.91 1.53 -20.08
N ARG A 176 3.61 0.34 -19.49
CA ARG A 176 4.16 -0.91 -19.99
C ARG A 176 3.71 -1.17 -21.43
N HIS A 177 2.41 -0.97 -21.68
CA HIS A 177 1.81 -1.09 -23.04
C HIS A 177 2.50 -0.16 -24.02
N ASP A 178 2.73 1.12 -23.61
CA ASP A 178 3.36 2.11 -24.46
C ASP A 178 4.81 1.76 -24.83
N ILE A 179 5.57 1.32 -23.86
CA ILE A 179 6.97 0.93 -24.15
C ILE A 179 7.01 -0.26 -25.09
N ALA A 180 6.13 -1.23 -24.87
CA ALA A 180 6.11 -2.40 -25.71
C ALA A 180 5.62 -2.07 -27.13
N ALA A 181 4.85 -1.00 -27.32
CA ALA A 181 4.45 -0.44 -28.63
C ALA A 181 5.43 0.59 -29.22
N GLY A 182 6.64 0.63 -28.70
CA GLY A 182 7.67 1.47 -29.29
C GLY A 182 7.62 2.94 -28.93
N LEU A 183 6.81 3.31 -27.90
CA LEU A 183 6.79 4.71 -27.45
C LEU A 183 7.80 4.93 -26.36
N PRO A 184 8.19 6.19 -26.12
CA PRO A 184 9.20 6.43 -25.10
C PRO A 184 8.73 6.09 -23.66
N GLY A 185 7.45 6.07 -23.40
CA GLY A 185 7.12 5.88 -21.96
C GLY A 185 7.21 7.18 -21.16
N PRO A 186 6.85 7.13 -19.88
CA PRO A 186 6.73 8.41 -19.14
C PRO A 186 8.12 9.00 -18.81
N SER A 187 8.16 10.31 -18.60
CA SER A 187 9.40 10.90 -18.07
C SER A 187 9.65 10.39 -16.65
N ILE A 188 10.89 10.45 -16.22
CA ILE A 188 11.22 9.98 -14.92
C ILE A 188 10.46 10.69 -13.82
N GLU A 189 10.31 12.00 -13.90
CA GLU A 189 9.63 12.66 -12.83
C GLU A 189 8.15 12.37 -12.83
N ASP A 190 7.57 12.20 -14.00
CA ASP A 190 6.14 11.85 -14.05
C ASP A 190 5.94 10.41 -13.50
N TYR A 191 6.81 9.48 -13.89
CA TYR A 191 6.78 8.10 -13.35
C TYR A 191 6.81 8.12 -11.84
N LEU A 192 7.74 8.86 -11.26
CA LEU A 192 7.83 8.90 -9.79
C LEU A 192 6.57 9.48 -9.16
N ALA A 193 6.07 10.61 -9.68
CA ALA A 193 4.83 11.25 -9.19
C ALA A 193 3.59 10.39 -9.28
N ARG A 194 3.45 9.65 -10.38
CA ARG A 194 2.26 8.83 -10.61
C ARG A 194 2.29 7.39 -10.11
N SER A 195 3.49 6.83 -9.94
CA SER A 195 3.62 5.46 -9.50
C SER A 195 3.77 5.28 -8.02
N THR A 196 3.91 6.39 -7.30
CA THR A 196 3.98 6.36 -5.86
C THR A 196 2.66 5.96 -5.25
N GLY A 197 1.55 6.20 -5.92
CA GLY A 197 0.26 5.74 -5.48
C GLY A 197 0.07 4.24 -5.33
N SER A 198 0.93 3.44 -5.90
CA SER A 198 0.81 2.01 -5.80
C SER A 198 1.75 1.40 -4.78
N ILE A 199 2.46 2.27 -4.08
CA ILE A 199 3.43 1.85 -3.08
C ILE A 199 2.87 1.29 -1.76
N LEU A 200 1.60 1.56 -1.47
CA LEU A 200 0.90 1.02 -0.30
C LEU A 200 1.17 1.63 1.08
N VAL A 201 2.29 2.32 1.27
CA VAL A 201 2.58 2.87 2.57
C VAL A 201 1.36 3.61 3.16
N GLU A 202 0.69 4.42 2.35
CA GLU A 202 -0.47 5.14 2.79
C GLU A 202 -1.60 4.19 3.22
N VAL A 203 -1.76 3.09 2.52
CA VAL A 203 -2.78 2.12 2.87
C VAL A 203 -2.49 1.49 4.24
N PHE A 204 -1.27 1.05 4.47
CA PHE A 204 -0.92 0.52 5.76
C PHE A 204 -1.13 1.57 6.85
N LEU A 205 -0.64 2.77 6.61
CA LEU A 205 -0.71 3.85 7.58
C LEU A 205 -2.13 4.26 7.95
N LEU A 206 -2.95 4.52 6.95
CA LEU A 206 -4.29 4.97 7.25
C LEU A 206 -5.07 3.92 8.00
N ASN A 207 -4.97 2.69 7.55
CA ASN A 207 -5.70 1.59 8.14
C ASN A 207 -5.23 1.17 9.55
N LEU A 208 -3.94 1.29 9.81
CA LEU A 208 -3.44 0.99 11.12
C LEU A 208 -3.69 2.18 12.05
N CYS A 209 -3.57 3.39 11.55
CA CYS A 209 -3.76 4.58 12.38
C CYS A 209 -5.16 4.65 12.97
N VAL A 210 -6.15 4.29 12.19
CA VAL A 210 -7.50 4.33 12.67
C VAL A 210 -7.77 3.36 13.85
N ALA A 211 -7.06 2.26 13.93
CA ALA A 211 -7.22 1.37 15.04
C ALA A 211 -6.74 2.05 16.30
N GLU A 212 -5.69 2.79 16.22
CA GLU A 212 -5.16 3.43 17.36
C GLU A 212 -5.85 4.76 17.71
N ALA A 213 -6.21 5.51 16.67
CA ALA A 213 -6.66 6.90 16.87
C ALA A 213 -8.12 7.14 16.55
N ARG A 214 -8.76 6.15 15.97
CA ARG A 214 -10.13 6.19 15.55
C ARG A 214 -10.57 7.52 14.96
N GLN A 215 -11.26 8.29 15.77
CA GLN A 215 -11.79 9.56 15.33
C GLN A 215 -10.76 10.63 15.00
N ASN A 216 -9.57 10.53 15.52
CA ASN A 216 -8.59 11.51 15.27
C ASN A 216 -7.67 11.13 14.12
N ALA A 217 -7.91 10.01 13.48
CA ALA A 217 -6.93 9.53 12.46
C ALA A 217 -6.80 10.44 11.24
N VAL A 218 -7.94 10.96 10.76
CA VAL A 218 -7.94 11.84 9.61
C VAL A 218 -7.04 13.05 9.78
N SER A 219 -7.16 13.75 10.92
CA SER A 219 -6.32 14.89 11.10
C SER A 219 -4.86 14.54 11.25
N GLN A 220 -4.56 13.42 11.93
CA GLN A 220 -3.20 12.95 12.07
C GLN A 220 -2.59 12.59 10.72
N LEU A 221 -3.41 11.94 9.90
CA LEU A 221 -2.96 11.58 8.53
C LEU A 221 -2.64 12.82 7.66
N LYS A 222 -3.51 13.86 7.71
CA LYS A 222 -3.27 15.11 7.02
C LYS A 222 -1.97 15.72 7.43
N ALA A 223 -1.68 15.68 8.74
CA ALA A 223 -0.47 16.30 9.25
C ALA A 223 0.82 15.59 8.80
N LEU A 224 0.67 14.29 8.53
CA LEU A 224 1.80 13.50 8.10
C LEU A 224 2.01 13.49 6.58
N ALA A 225 1.20 14.26 5.83
CA ALA A 225 1.33 14.28 4.34
C ALA A 225 2.74 14.57 3.80
N PRO A 226 3.43 15.59 4.32
CA PRO A 226 4.79 15.85 3.82
C PRO A 226 5.74 14.72 4.08
N ALA A 227 5.74 14.18 5.31
CA ALA A 227 6.54 13.00 5.59
C ALA A 227 6.11 11.83 4.68
N LEU A 228 4.81 11.60 4.55
CA LEU A 228 4.32 10.48 3.77
C LEU A 228 4.80 10.55 2.30
N SER A 229 4.79 11.75 1.71
CA SER A 229 5.30 11.92 0.34
C SER A 229 6.75 11.47 0.21
N HIS A 230 7.57 11.92 1.16
CA HIS A 230 8.99 11.43 1.14
C HIS A 230 9.15 9.93 1.35
N ALA A 231 8.30 9.36 2.23
CA ALA A 231 8.33 7.90 2.53
C ALA A 231 7.96 7.11 1.24
N GLU A 232 6.93 7.61 0.56
CA GLU A 232 6.55 6.98 -0.70
C GLU A 232 7.62 6.99 -1.78
N TYR A 233 8.23 8.17 -1.97
CA TYR A 233 9.32 8.29 -2.95
C TYR A 233 10.49 7.35 -2.56
N ALA A 234 10.84 7.31 -1.30
CA ALA A 234 11.99 6.42 -0.83
C ALA A 234 11.72 4.97 -1.13
N VAL A 235 10.46 4.55 -0.89
CA VAL A 235 10.13 3.14 -1.05
C VAL A 235 10.00 2.83 -2.53
N ARG A 236 9.45 3.75 -3.33
CA ARG A 236 9.41 3.52 -4.78
C ARG A 236 10.81 3.39 -5.38
N LEU A 237 11.69 4.32 -5.03
CA LEU A 237 13.05 4.31 -5.53
C LEU A 237 13.79 3.01 -5.10
N GLY A 238 13.62 2.68 -3.83
CA GLY A 238 14.31 1.56 -3.23
C GLY A 238 13.80 0.27 -3.85
N ASN A 239 12.47 0.14 -3.99
CA ASN A 239 11.92 -1.01 -4.66
C ASN A 239 12.42 -1.17 -6.09
N ASP A 240 12.44 -0.08 -6.84
CA ASP A 240 12.88 -0.10 -8.22
C ASP A 240 14.35 -0.51 -8.39
N VAL A 241 15.22 -0.02 -7.52
CA VAL A 241 16.63 -0.36 -7.51
C VAL A 241 16.79 -1.85 -7.28
N ALA A 242 16.04 -2.37 -6.36
CA ALA A 242 16.12 -3.77 -6.04
C ALA A 242 15.63 -4.67 -7.13
N SER A 243 14.53 -4.34 -7.78
CA SER A 243 13.98 -5.22 -8.81
C SER A 243 14.88 -5.26 -10.05
N HIS A 244 15.36 -4.10 -10.50
CA HIS A 244 16.47 -4.02 -11.45
C HIS A 244 17.60 -5.05 -11.16
N GLY A 251 8.80 -7.81 -17.68
CA GLY A 251 7.84 -6.81 -18.05
C GLY A 251 7.82 -5.45 -17.38
N ASP A 252 8.27 -5.46 -16.15
CA ASP A 252 8.31 -4.38 -15.21
C ASP A 252 8.85 -3.05 -15.64
N ILE A 253 8.11 -2.00 -15.40
CA ILE A 253 8.63 -0.71 -15.66
C ILE A 253 9.30 -0.29 -14.33
N ASN A 254 10.46 0.33 -14.41
CA ASN A 254 11.15 0.83 -13.25
C ASN A 254 12.00 2.03 -13.61
N VAL A 255 12.41 2.77 -12.63
CA VAL A 255 13.16 3.98 -12.86
C VAL A 255 14.55 3.81 -13.50
N ILE A 256 15.15 2.65 -13.33
CA ILE A 256 16.48 2.40 -13.91
C ILE A 256 16.31 2.17 -15.39
N MET A 257 15.35 1.34 -15.79
CA MET A 257 15.13 1.15 -17.24
C MET A 257 14.63 2.42 -17.93
N LEU A 258 14.02 3.39 -17.19
CA LEU A 258 13.69 4.70 -17.73
C LEU A 258 14.89 5.62 -17.84
N GLY A 259 16.07 5.20 -17.36
CA GLY A 259 17.24 6.02 -17.58
C GLY A 259 18.01 6.43 -16.34
N MET A 260 17.49 6.24 -15.13
CA MET A 260 18.20 6.66 -13.92
C MET A 260 19.28 5.67 -13.62
N ALA A 261 20.42 6.16 -13.20
CA ALA A 261 21.49 5.26 -12.82
C ALA A 261 21.23 4.64 -11.47
N PRO A 262 21.64 3.41 -11.25
CA PRO A 262 21.41 2.77 -9.96
C PRO A 262 21.94 3.53 -8.76
N GLU A 263 23.12 4.13 -8.90
CA GLU A 263 23.68 4.91 -7.86
C GLU A 263 22.85 6.16 -7.55
N GLU A 264 22.19 6.74 -8.54
CA GLU A 264 21.35 7.89 -8.34
C GLU A 264 20.05 7.45 -7.67
N ALA A 265 19.49 6.36 -8.11
CA ALA A 265 18.25 5.84 -7.40
C ALA A 265 18.52 5.51 -5.92
N ARG A 266 19.72 4.98 -5.62
CA ARG A 266 20.14 4.73 -4.25
C ARG A 266 20.38 5.97 -3.45
N ARG A 267 21.05 6.97 -4.04
CA ARG A 267 21.18 8.26 -3.43
C ARG A 267 19.86 8.93 -3.05
N ARG A 268 18.95 9.00 -4.02
CA ARG A 268 17.63 9.59 -3.77
C ARG A 268 16.78 8.85 -2.74
N THR A 269 16.86 7.54 -2.73
CA THR A 269 16.20 6.70 -1.67
C THR A 269 16.62 7.13 -0.26
N ALA A 270 17.94 7.25 -0.08
CA ALA A 270 18.49 7.69 1.16
C ALA A 270 18.16 9.09 1.50
N ASP A 271 18.20 9.97 0.51
CA ASP A 271 17.85 11.35 0.75
C ASP A 271 16.39 11.54 1.15
N HIS A 272 15.46 10.91 0.44
CA HIS A 272 14.07 10.95 0.86
C HIS A 272 13.79 10.35 2.26
N ALA A 273 14.43 9.24 2.57
CA ALA A 273 14.27 8.60 3.85
C ALA A 273 14.66 9.56 5.00
N ARG A 274 15.80 10.26 4.82
CA ARG A 274 16.26 11.28 5.78
C ARG A 274 15.29 12.40 5.88
N ARG A 275 14.77 12.86 4.77
CA ARG A 275 13.81 13.97 4.82
C ARG A 275 12.54 13.55 5.50
N CYS A 276 12.12 12.30 5.26
CA CYS A 276 10.91 11.81 5.97
C CYS A 276 11.15 11.84 7.51
N ARG A 277 12.31 11.28 7.92
CA ARG A 277 12.67 11.29 9.38
C ARG A 277 12.70 12.72 9.94
N ASP A 278 13.25 13.69 9.21
CA ASP A 278 13.27 15.09 9.72
C ASP A 278 11.88 15.67 9.89
N GLU A 279 11.00 15.38 8.95
CA GLU A 279 9.59 15.78 9.09
C GLU A 279 8.83 15.11 10.26
N LEU A 280 9.20 13.86 10.58
CA LEU A 280 8.57 13.11 11.66
C LEU A 280 9.05 13.44 13.08
N ARG A 281 10.26 13.97 13.23
CA ARG A 281 10.91 14.14 14.53
C ARG A 281 10.01 14.81 15.57
N PRO A 282 9.37 15.94 15.22
CA PRO A 282 8.48 16.54 16.24
C PRO A 282 7.31 15.67 16.69
N PHE A 283 6.82 14.80 15.81
CA PHE A 283 5.69 13.98 16.17
C PHE A 283 6.18 12.78 17.03
N LEU A 284 7.37 12.26 16.70
CA LEU A 284 7.96 11.07 17.34
C LEU A 284 8.33 11.44 18.78
N ASP A 285 8.79 12.68 18.94
CA ASP A 285 9.09 13.26 20.28
C ASP A 285 7.86 13.42 21.14
N ALA A 286 6.73 13.72 20.54
CA ALA A 286 5.46 13.88 21.31
C ALA A 286 4.74 12.58 21.68
N ASP A 287 4.94 11.52 20.86
CA ASP A 287 4.24 10.27 21.13
C ASP A 287 4.97 9.07 20.56
N PRO A 288 5.55 8.21 21.44
CA PRO A 288 6.25 7.01 20.95
C PRO A 288 5.32 5.85 20.50
N ARG A 289 4.00 5.99 20.56
CA ARG A 289 3.02 4.95 20.14
C ARG A 289 1.92 5.51 19.24
N GLY A 290 2.25 6.50 18.43
CA GLY A 290 1.25 7.08 17.57
C GLY A 290 1.42 6.77 16.11
N CYS A 291 0.63 7.44 15.29
CA CYS A 291 0.66 7.24 13.87
C CYS A 291 1.97 7.62 13.20
N ALA A 292 2.66 8.61 13.72
CA ALA A 292 3.94 8.98 13.16
C ALA A 292 4.96 7.85 13.31
N VAL A 293 4.95 7.20 14.47
CA VAL A 293 5.84 6.03 14.69
C VAL A 293 5.54 4.90 13.69
N MET A 294 4.26 4.66 13.41
CA MET A 294 3.89 3.70 12.40
C MET A 294 4.46 4.06 11.04
N LEU A 295 4.39 5.35 10.65
CA LEU A 295 5.01 5.77 9.38
C LEU A 295 6.52 5.62 9.40
N ASP A 296 7.14 6.02 10.50
CA ASP A 296 8.61 5.83 10.65
C ASP A 296 9.04 4.36 10.57
N ARG A 297 8.27 3.48 11.22
CA ARG A 297 8.60 2.03 11.19
C ARG A 297 8.41 1.44 9.80
N ALA A 298 7.28 1.78 9.17
CA ALA A 298 6.98 1.26 7.80
C ALA A 298 8.06 1.66 6.81
N THR A 299 8.45 2.93 6.84
CA THR A 299 9.50 3.45 5.94
C THR A 299 10.83 2.73 6.17
N ARG A 300 11.22 2.63 7.42
CA ARG A 300 12.49 1.96 7.79
C ARG A 300 12.48 0.47 7.50
N LEU A 301 11.32 -0.18 7.65
CA LEU A 301 11.17 -1.60 7.31
C LEU A 301 11.27 -1.79 5.80
N PHE A 302 10.52 -0.98 5.05
CA PHE A 302 10.45 -1.18 3.61
C PHE A 302 11.71 -0.73 2.88
N VAL A 303 12.42 0.27 3.40
CA VAL A 303 13.70 0.67 2.80
C VAL A 303 14.79 -0.31 3.18
N GLY A 304 14.68 -0.98 4.33
CA GLY A 304 15.69 -1.90 4.83
C GLY A 304 15.77 -3.30 4.21
N ILE A 305 14.81 -3.67 3.34
CA ILE A 305 14.80 -5.02 2.72
C ILE A 305 15.94 -5.21 1.74
#